data_7BZC
#
_entry.id   7BZC
#
_cell.length_a   64.388
_cell.length_b   81.537
_cell.length_c   125.570
_cell.angle_alpha   90.000
_cell.angle_beta   90.000
_cell.angle_gamma   90.000
#
_symmetry.space_group_name_H-M   'P 21 2 21'
#
loop_
_entity.id
_entity.type
_entity.pdbx_description
1 polymer 'Terpenoid synthase 18'
2 non-polymer 'MAGNESIUM ION'
3 non-polymer 'S-[(2E,6E)-3,7,11-TRIMETHYLDODECA-2,6,10-TRIENYL] TRIHYDROGEN THIODIPHOSPHATE'
4 water water
#
_entity_poly.entity_id   1
_entity_poly.type   'polypeptide(L)'
_entity_poly.pdbx_seq_one_letter_code
;MDATRTFFGLPNVHNVPLCLTSNLSLFPQRLLQKHTLPLKPAKKHHLVCVRSTKSSDDLEGSRPSTYFSPSLWGDHFLSV
SLDRGEFDELEREIETMKPLVKDMLMSSQSSDKEKIRLIHLLVSLGSSYHFDKEIQDILKHSFTKLDDIIVGEDDLETIS
IMFEVFRLYGHKMSCDAFDRFRGEDGRFKESLAKDVRGMLQLFEVAHLGTPSEDIMDEASSFAQNHLDSWIGGNVSGATP
HLLKHIQNSLYIPRYCNIEVLVAREYISYYEQEEGHNKILLKFAKLNFNFCQFHYIQELKTLTKWWKDLDLASKLPYIRD
RLVESHLGGLGPYFEPHYSLGRIIVAKIIMTMVVVDDTYDAHATVPEVAVLTECLQRLNIGADDKLPDYLRTVLESVFEV
MGEIEQEMRPKGRSYGVKQVLERFKNVAKADKQLTEWARTGDVPSFDEYMKVGLVTAGMDGYAGYCFIGMEDVSEKEAFE
WLSSNPLIIQALNVMFRLANDVGTYETEINRGEVANGLNCYMKQYGVTKEEASQELRKIYSNNKKVVMEEFMNSHDHVPR
QVLLRCLNFARLFDVMYTEGDGYSEPKGKIEHFMTSLYVHPIPLS
;
_entity_poly.pdbx_strand_id   A
#
loop_
_chem_comp.id
_chem_comp.type
_chem_comp.name
_chem_comp.formula
FPS non-polymer 'S-[(2E,6E)-3,7,11-TRIMETHYLDODECA-2,6,10-TRIENYL] TRIHYDROGEN THIODIPHOSPHATE' 'C15 H28 O6 P2 S'
MG non-polymer 'MAGNESIUM ION' 'Mg 2'
#
# COMPACT_ATOMS: atom_id res chain seq x y z
N SER A 71 -13.62 13.44 12.68
CA SER A 71 -14.45 14.66 12.49
C SER A 71 -15.64 14.25 11.64
N LEU A 72 -15.42 14.21 10.33
CA LEU A 72 -16.46 13.80 9.36
C LEU A 72 -17.02 12.42 9.74
N TRP A 73 -16.19 11.40 9.66
CA TRP A 73 -16.65 10.01 9.88
C TRP A 73 -16.41 9.52 11.32
N GLY A 74 -15.87 10.35 12.18
CA GLY A 74 -15.61 9.93 13.54
C GLY A 74 -16.89 9.69 14.32
N ASP A 75 -17.88 10.48 14.10
CA ASP A 75 -19.12 10.24 14.74
C ASP A 75 -19.78 8.98 14.23
N HIS A 76 -19.67 8.73 12.96
CA HIS A 76 -20.28 7.58 12.37
C HIS A 76 -19.75 6.25 12.91
N PHE A 77 -18.46 6.12 13.06
CA PHE A 77 -17.90 4.85 13.46
C PHE A 77 -18.14 4.59 14.94
N LEU A 78 -18.19 5.64 15.71
CA LEU A 78 -18.43 5.56 17.10
C LEU A 78 -19.80 5.00 17.39
N SER A 79 -20.73 5.25 16.53
CA SER A 79 -22.10 4.85 16.79
C SER A 79 -22.56 3.68 15.94
N VAL A 80 -21.78 3.23 14.97
CA VAL A 80 -22.17 2.03 14.24
C VAL A 80 -22.26 0.86 15.22
N SER A 81 -23.21 -0.03 15.00
CA SER A 81 -23.37 -1.17 15.88
C SER A 81 -22.82 -2.42 15.21
N LEU A 82 -21.91 -3.09 15.91
CA LEU A 82 -21.33 -4.35 15.48
C LEU A 82 -21.90 -5.45 16.35
N ASP A 83 -22.66 -6.37 15.74
CA ASP A 83 -23.22 -7.49 16.49
C ASP A 83 -22.12 -8.55 16.61
N ARG A 84 -21.67 -8.80 17.84
CA ARG A 84 -20.65 -9.82 18.03
C ARG A 84 -21.16 -11.19 17.57
N GLY A 85 -22.48 -11.38 17.54
CA GLY A 85 -23.02 -12.63 17.04
C GLY A 85 -22.83 -12.80 15.54
N GLU A 86 -22.98 -11.70 14.77
CA GLU A 86 -22.66 -11.72 13.35
C GLU A 86 -21.20 -12.08 13.12
N PHE A 87 -20.30 -11.45 13.90
CA PHE A 87 -18.88 -11.76 13.84
C PHE A 87 -18.64 -13.25 14.03
N ASP A 88 -19.08 -13.80 15.15
CA ASP A 88 -18.86 -15.21 15.45
C ASP A 88 -19.36 -16.11 14.32
N GLU A 89 -20.48 -15.74 13.69
CA GLU A 89 -21.02 -16.61 12.64
C GLU A 89 -20.17 -16.55 11.38
N LEU A 90 -19.70 -15.35 11.00
CA LEU A 90 -18.81 -15.25 9.85
C LEU A 90 -17.54 -16.06 10.08
N GLU A 91 -16.99 -15.95 11.29
CA GLU A 91 -15.80 -16.71 11.65
C GLU A 91 -16.03 -18.19 11.48
N ARG A 92 -17.22 -18.66 11.90
CA ARG A 92 -17.55 -20.08 11.84
C ARG A 92 -17.77 -20.54 10.40
N GLU A 93 -18.55 -19.80 9.63
CA GLU A 93 -18.78 -20.22 8.25
C GLU A 93 -17.48 -20.26 7.46
N ILE A 94 -16.57 -19.32 7.73
CA ILE A 94 -15.26 -19.33 7.07
C ILE A 94 -14.48 -20.58 7.46
N GLU A 95 -14.42 -20.88 8.76
CA GLU A 95 -13.73 -22.09 9.21
C GLU A 95 -14.39 -23.34 8.63
N THR A 96 -15.71 -23.32 8.45
CA THR A 96 -16.39 -24.51 7.96
C THR A 96 -16.04 -24.78 6.50
N MET A 97 -15.87 -23.72 5.69
CA MET A 97 -15.63 -23.88 4.25
C MET A 97 -14.15 -24.07 3.94
N LYS A 98 -13.27 -23.54 4.78
CA LYS A 98 -11.82 -23.65 4.55
C LYS A 98 -11.38 -25.06 4.15
N PRO A 99 -11.80 -26.14 4.82
CA PRO A 99 -11.36 -27.47 4.36
C PRO A 99 -11.72 -27.77 2.91
N LEU A 100 -12.93 -27.41 2.47
CA LEU A 100 -13.32 -27.66 1.09
C LEU A 100 -12.39 -26.95 0.11
N VAL A 101 -12.05 -25.68 0.40
CA VAL A 101 -11.20 -24.91 -0.52
C VAL A 101 -9.81 -25.53 -0.53
N LYS A 102 -9.32 -25.89 0.66
CA LYS A 102 -8.04 -26.54 0.80
C LYS A 102 -7.97 -27.84 0.00
N ASP A 103 -9.04 -28.64 0.00
CA ASP A 103 -9.08 -29.83 -0.86
C ASP A 103 -8.78 -29.48 -2.31
N MET A 104 -9.26 -28.31 -2.78
CA MET A 104 -9.05 -27.90 -4.17
C MET A 104 -7.56 -27.74 -4.46
N LEU A 105 -6.81 -27.11 -3.54
CA LEU A 105 -5.38 -26.88 -3.73
C LEU A 105 -4.57 -28.16 -3.67
N MET A 106 -4.93 -29.08 -2.78
CA MET A 106 -4.14 -30.29 -2.61
C MET A 106 -4.63 -31.44 -3.47
N SER A 107 -5.62 -31.21 -4.35
CA SER A 107 -6.14 -32.28 -5.18
C SER A 107 -5.00 -32.94 -5.95
N SER A 108 -4.95 -34.27 -5.85
CA SER A 108 -3.97 -35.02 -6.63
C SER A 108 -4.36 -35.14 -8.10
N GLN A 109 -5.58 -34.70 -8.48
CA GLN A 109 -6.09 -34.84 -9.83
C GLN A 109 -5.85 -33.62 -10.72
N SER A 110 -5.61 -32.45 -10.15
CA SER A 110 -5.37 -31.27 -10.97
C SER A 110 -3.87 -31.09 -11.23
N SER A 111 -3.57 -30.54 -12.40
CA SER A 111 -2.20 -30.29 -12.83
C SER A 111 -1.60 -29.07 -12.12
N ASP A 112 -0.31 -28.87 -12.36
CA ASP A 112 0.33 -27.67 -11.82
C ASP A 112 -0.32 -26.42 -12.38
N LYS A 113 -0.53 -26.39 -13.70
CA LYS A 113 -1.21 -25.26 -14.35
C LYS A 113 -2.56 -24.98 -13.70
N GLU A 114 -3.34 -26.04 -13.46
CA GLU A 114 -4.64 -25.84 -12.84
C GLU A 114 -4.51 -25.31 -11.42
N LYS A 115 -3.49 -25.74 -10.68
CA LYS A 115 -3.31 -25.20 -9.33
C LYS A 115 -2.93 -23.73 -9.37
N ILE A 116 -2.01 -23.35 -10.27
CA ILE A 116 -1.62 -21.94 -10.40
C ILE A 116 -2.84 -21.07 -10.73
N ARG A 117 -3.70 -21.54 -11.64
CA ARG A 117 -4.95 -20.85 -11.92
C ARG A 117 -5.77 -20.62 -10.65
N LEU A 118 -5.94 -21.67 -9.83
CA LEU A 118 -6.70 -21.54 -8.60
C LEU A 118 -6.02 -20.59 -7.61
N ILE A 119 -4.70 -20.68 -7.46
CA ILE A 119 -4.00 -19.79 -6.55
C ILE A 119 -4.25 -18.34 -6.94
N HIS A 120 -4.12 -18.05 -8.23
CA HIS A 120 -4.38 -16.69 -8.71
C HIS A 120 -5.82 -16.25 -8.41
N LEU A 121 -6.75 -17.19 -8.53
CA LEU A 121 -8.14 -16.88 -8.21
C LEU A 121 -8.32 -16.58 -6.71
N LEU A 122 -7.59 -17.31 -5.85
CA LEU A 122 -7.64 -17.04 -4.41
C LEU A 122 -6.96 -15.71 -4.08
N VAL A 123 -5.90 -15.36 -4.83
CA VAL A 123 -5.30 -14.03 -4.74
C VAL A 123 -6.31 -12.96 -5.16
N SER A 124 -6.82 -13.09 -6.39
CA SER A 124 -7.82 -12.15 -6.89
C SER A 124 -8.93 -11.90 -5.87
N LEU A 125 -9.39 -12.95 -5.17
CA LEU A 125 -10.50 -12.88 -4.22
C LEU A 125 -10.07 -12.57 -2.79
N GLY A 126 -8.82 -12.17 -2.56
CA GLY A 126 -8.44 -11.78 -1.22
C GLY A 126 -8.49 -12.92 -0.23
N SER A 127 -8.27 -14.16 -0.68
CA SER A 127 -8.47 -15.33 0.16
C SER A 127 -7.28 -16.28 0.21
N SER A 128 -6.14 -15.89 -0.39
CA SER A 128 -4.99 -16.77 -0.45
C SER A 128 -4.41 -17.06 0.94
N TYR A 129 -4.46 -16.07 1.86
CA TYR A 129 -3.73 -16.21 3.13
C TYR A 129 -4.23 -17.36 4.00
N HIS A 130 -5.49 -17.79 3.84
CA HIS A 130 -5.95 -18.95 4.59
C HIS A 130 -5.07 -20.17 4.34
N PHE A 131 -4.32 -20.18 3.24
CA PHE A 131 -3.62 -21.35 2.75
C PHE A 131 -2.19 -21.01 2.37
N ASP A 132 -1.60 -20.03 3.04
CA ASP A 132 -0.31 -19.49 2.61
C ASP A 132 0.78 -20.55 2.65
N LYS A 133 0.77 -21.41 3.67
CA LYS A 133 1.76 -22.49 3.75
C LYS A 133 1.67 -23.40 2.54
N GLU A 134 0.46 -23.85 2.23
CA GLU A 134 0.25 -24.74 1.10
C GLU A 134 0.61 -24.03 -0.21
N ILE A 135 0.16 -22.78 -0.37
CA ILE A 135 0.38 -22.07 -1.63
C ILE A 135 1.88 -21.86 -1.84
N GLN A 136 2.58 -21.39 -0.82
CA GLN A 136 4.01 -21.19 -0.98
C GLN A 136 4.70 -22.49 -1.36
N ASP A 137 4.31 -23.59 -0.73
CA ASP A 137 4.97 -24.87 -1.02
C ASP A 137 4.67 -25.35 -2.43
N ILE A 138 3.41 -25.25 -2.86
CA ILE A 138 3.04 -25.62 -4.22
C ILE A 138 3.89 -24.86 -5.22
N LEU A 139 4.17 -23.58 -4.94
CA LEU A 139 4.83 -22.75 -5.93
C LEU A 139 6.34 -22.91 -5.88
N LYS A 140 6.90 -23.10 -4.68
CA LYS A 140 8.33 -23.42 -4.58
C LYS A 140 8.67 -24.64 -5.42
N HIS A 141 7.78 -25.64 -5.45
CA HIS A 141 8.05 -26.86 -6.19
C HIS A 141 7.80 -26.68 -7.68
N SER A 142 6.63 -26.14 -8.05
CA SER A 142 6.36 -26.05 -9.48
C SER A 142 7.17 -24.97 -10.17
N PHE A 143 7.76 -24.03 -9.41
CA PHE A 143 8.68 -23.10 -10.06
C PHE A 143 9.92 -23.82 -10.57
N THR A 144 10.37 -24.85 -9.84
CA THR A 144 11.51 -25.63 -10.29
C THR A 144 11.21 -26.37 -11.58
N LYS A 145 9.93 -26.59 -11.89
CA LYS A 145 9.49 -27.28 -13.08
C LYS A 145 8.98 -26.31 -14.14
N LEU A 146 9.26 -25.00 -14.01
CA LEU A 146 8.52 -24.02 -14.81
C LEU A 146 8.89 -24.11 -16.27
N ASP A 147 10.18 -24.28 -16.59
CA ASP A 147 10.59 -24.40 -17.99
C ASP A 147 9.80 -25.48 -18.69
N ASP A 148 9.55 -26.60 -18.01
CA ASP A 148 8.80 -27.71 -18.59
C ASP A 148 7.30 -27.41 -18.66
N ILE A 149 6.75 -26.82 -17.59
CA ILE A 149 5.32 -26.50 -17.54
C ILE A 149 4.89 -25.64 -18.73
N ILE A 150 5.76 -24.75 -19.21
CA ILE A 150 5.35 -23.77 -20.22
C ILE A 150 5.76 -24.17 -21.64
N VAL A 151 6.51 -25.25 -21.83
CA VAL A 151 6.85 -25.68 -23.18
C VAL A 151 5.56 -25.85 -23.98
N GLY A 152 5.45 -25.14 -25.09
CA GLY A 152 4.25 -25.20 -25.91
C GLY A 152 3.01 -24.61 -25.28
N GLU A 153 3.12 -23.98 -24.12
CA GLU A 153 2.00 -23.25 -23.55
C GLU A 153 1.89 -21.92 -24.30
N ASP A 154 0.88 -21.81 -25.15
CA ASP A 154 0.76 -20.64 -26.00
C ASP A 154 -0.43 -19.76 -25.63
N ASP A 155 -1.10 -20.03 -24.52
CA ASP A 155 -2.26 -19.24 -24.12
C ASP A 155 -1.80 -17.97 -23.43
N LEU A 156 -2.17 -16.80 -23.97
CA LEU A 156 -1.63 -15.56 -23.44
C LEU A 156 -2.01 -15.36 -21.97
N GLU A 157 -3.27 -15.66 -21.63
CA GLU A 157 -3.69 -15.41 -20.26
C GLU A 157 -3.06 -16.41 -19.29
N THR A 158 -2.77 -17.62 -19.76
CA THR A 158 -2.14 -18.60 -18.88
C THR A 158 -0.71 -18.20 -18.53
N ILE A 159 0.10 -17.85 -19.54
CA ILE A 159 1.46 -17.36 -19.25
C ILE A 159 1.39 -16.15 -18.33
N SER A 160 0.49 -15.23 -18.62
CA SER A 160 0.38 -14.02 -17.82
C SER A 160 -0.07 -14.33 -16.40
N ILE A 161 -0.93 -15.34 -16.21
CA ILE A 161 -1.35 -15.66 -14.85
C ILE A 161 -0.20 -16.29 -14.08
N MET A 162 0.52 -17.23 -14.70
CA MET A 162 1.71 -17.77 -14.07
C MET A 162 2.71 -16.66 -13.74
N PHE A 163 2.88 -15.69 -14.63
CA PHE A 163 3.80 -14.58 -14.38
C PHE A 163 3.39 -13.83 -13.11
N GLU A 164 2.08 -13.56 -12.95
CA GLU A 164 1.62 -12.84 -11.76
C GLU A 164 1.84 -13.65 -10.50
N VAL A 165 1.42 -14.91 -10.51
CA VAL A 165 1.45 -15.73 -9.32
C VAL A 165 2.89 -15.93 -8.84
N PHE A 166 3.78 -16.29 -9.77
CA PHE A 166 5.13 -16.67 -9.36
C PHE A 166 5.90 -15.48 -8.81
N ARG A 167 5.76 -14.32 -9.44
CA ARG A 167 6.48 -13.13 -8.98
C ARG A 167 5.87 -12.58 -7.70
N LEU A 168 4.53 -12.54 -7.62
CA LEU A 168 3.92 -12.15 -6.35
C LEU A 168 4.46 -12.99 -5.19
N TYR A 169 4.78 -14.25 -5.43
CA TYR A 169 5.31 -15.14 -4.40
C TYR A 169 6.84 -15.24 -4.44
N GLY A 170 7.52 -14.25 -5.03
CA GLY A 170 8.94 -14.09 -4.90
C GLY A 170 9.79 -14.87 -5.87
N HIS A 171 9.18 -15.52 -6.85
CA HIS A 171 9.89 -16.29 -7.87
C HIS A 171 9.94 -15.45 -9.14
N LYS A 172 11.14 -15.06 -9.57
CA LYS A 172 11.31 -14.17 -10.71
C LYS A 172 11.15 -15.00 -11.99
N MET A 173 9.90 -15.13 -12.46
CA MET A 173 9.65 -15.74 -13.75
C MET A 173 10.17 -14.81 -14.85
N SER A 174 10.88 -15.38 -15.82
CA SER A 174 11.52 -14.56 -16.84
C SER A 174 10.52 -13.98 -17.81
N CYS A 175 10.76 -12.73 -18.23
CA CYS A 175 9.98 -12.13 -19.32
C CYS A 175 10.20 -12.80 -20.67
N ASP A 176 11.20 -13.67 -20.82
CA ASP A 176 11.30 -14.44 -22.06
C ASP A 176 10.04 -15.27 -22.32
N ALA A 177 9.19 -15.42 -21.30
CA ALA A 177 7.93 -16.12 -21.49
C ALA A 177 7.06 -15.46 -22.54
N PHE A 178 7.18 -14.16 -22.74
CA PHE A 178 6.31 -13.48 -23.69
C PHE A 178 6.87 -13.46 -25.10
N ASP A 179 8.10 -13.93 -25.30
CA ASP A 179 8.64 -13.93 -26.65
C ASP A 179 7.80 -14.79 -27.58
N ARG A 180 7.10 -15.80 -27.04
CA ARG A 180 6.20 -16.58 -27.90
C ARG A 180 5.04 -15.75 -28.43
N PHE A 181 4.72 -14.63 -27.78
CA PHE A 181 3.65 -13.75 -28.24
C PHE A 181 4.20 -12.56 -29.02
N ARG A 182 5.47 -12.61 -29.34
CA ARG A 182 6.10 -11.53 -30.03
C ARG A 182 6.53 -11.88 -31.45
N GLY A 183 6.07 -11.11 -32.41
CA GLY A 183 6.68 -11.02 -33.72
C GLY A 183 8.17 -10.81 -33.82
N GLU A 184 8.73 -11.40 -34.85
CA GLU A 184 9.63 -10.76 -35.80
C GLU A 184 8.79 -9.56 -36.17
N ASP A 185 9.07 -8.37 -35.68
CA ASP A 185 9.43 -6.96 -35.77
C ASP A 185 10.23 -6.48 -34.55
N GLY A 186 9.59 -6.38 -33.41
CA GLY A 186 9.84 -7.14 -32.20
C GLY A 186 8.56 -7.29 -31.39
N ARG A 187 7.54 -6.64 -31.70
CA ARG A 187 6.41 -6.20 -30.97
C ARG A 187 5.50 -7.39 -30.74
N PHE A 188 4.50 -7.16 -29.93
CA PHE A 188 3.56 -8.19 -29.61
C PHE A 188 2.63 -8.36 -30.77
N LYS A 189 2.30 -9.60 -31.11
CA LYS A 189 1.55 -9.90 -32.32
C LYS A 189 0.18 -9.22 -32.31
N GLU A 190 -0.18 -8.62 -33.44
CA GLU A 190 -1.53 -8.09 -33.58
C GLU A 190 -2.60 -9.17 -33.40
N SER A 191 -2.26 -10.45 -33.60
CA SER A 191 -3.25 -11.52 -33.47
C SER A 191 -3.73 -11.70 -32.04
N LEU A 192 -3.02 -11.12 -31.07
CA LEU A 192 -3.42 -11.17 -29.67
C LEU A 192 -4.69 -10.38 -29.38
N ALA A 193 -5.14 -9.53 -30.31
CA ALA A 193 -6.27 -8.64 -30.03
C ALA A 193 -7.59 -9.38 -29.89
N LYS A 194 -7.65 -10.64 -30.33
CA LYS A 194 -8.83 -11.47 -30.10
C LYS A 194 -8.92 -11.94 -28.67
N ASP A 195 -7.78 -11.99 -27.98
CA ASP A 195 -7.72 -12.53 -26.63
C ASP A 195 -7.87 -11.37 -25.64
N VAL A 196 -9.11 -10.93 -25.49
CA VAL A 196 -9.38 -9.77 -24.64
C VAL A 196 -8.99 -10.06 -23.20
N ARG A 197 -9.17 -11.30 -22.74
CA ARG A 197 -8.76 -11.65 -21.39
C ARG A 197 -7.26 -11.74 -21.28
N GLY A 198 -6.61 -12.34 -22.28
CA GLY A 198 -5.17 -12.40 -22.27
C GLY A 198 -4.55 -11.03 -22.23
N MET A 199 -5.08 -10.11 -23.04
CA MET A 199 -4.52 -8.76 -23.03
C MET A 199 -4.71 -8.10 -21.67
N LEU A 200 -5.84 -8.36 -21.02
CA LEU A 200 -6.07 -7.73 -19.72
C LEU A 200 -5.05 -8.21 -18.70
N GLN A 201 -4.79 -9.52 -18.68
CA GLN A 201 -3.81 -10.11 -17.76
C GLN A 201 -2.39 -9.75 -18.16
N LEU A 202 -2.12 -9.59 -19.46
CA LEU A 202 -0.84 -9.04 -19.87
C LEU A 202 -0.68 -7.60 -19.37
N PHE A 203 -1.72 -6.77 -19.56
CA PHE A 203 -1.70 -5.41 -19.05
C PHE A 203 -1.36 -5.40 -17.57
N GLU A 204 -2.03 -6.24 -16.79
CA GLU A 204 -1.85 -6.23 -15.34
C GLU A 204 -0.43 -6.62 -14.96
N VAL A 205 0.12 -7.66 -15.59
CA VAL A 205 1.45 -8.08 -15.18
C VAL A 205 2.54 -7.15 -15.71
N ALA A 206 2.21 -6.28 -16.66
CA ALA A 206 3.18 -5.28 -17.10
C ALA A 206 3.56 -4.32 -15.98
N HIS A 207 2.82 -4.34 -14.87
CA HIS A 207 3.15 -3.54 -13.69
C HIS A 207 3.99 -4.32 -12.70
N LEU A 208 4.57 -5.44 -13.12
CA LEU A 208 5.43 -6.24 -12.25
C LEU A 208 6.84 -6.33 -12.78
N GLY A 209 7.29 -5.29 -13.51
CA GLY A 209 8.60 -5.32 -14.15
C GLY A 209 9.74 -4.92 -13.22
N THR A 210 10.92 -5.46 -13.48
CA THR A 210 12.13 -4.99 -12.82
C THR A 210 12.71 -3.81 -13.58
N PRO A 211 13.76 -3.16 -13.06
CA PRO A 211 14.30 -1.96 -13.74
C PRO A 211 14.82 -2.23 -15.13
N SER A 212 15.26 -3.44 -15.44
CA SER A 212 15.85 -3.67 -16.76
C SER A 212 14.85 -4.17 -17.79
N GLU A 213 13.62 -4.52 -17.38
CA GLU A 213 12.67 -5.18 -18.28
C GLU A 213 11.79 -4.15 -18.97
N ASP A 214 12.39 -3.49 -19.97
CA ASP A 214 11.63 -2.51 -20.74
C ASP A 214 10.57 -3.17 -21.62
N ILE A 215 10.62 -4.49 -21.79
CA ILE A 215 9.55 -5.18 -22.51
C ILE A 215 8.21 -4.97 -21.81
N MET A 216 8.21 -4.80 -20.48
CA MET A 216 6.93 -4.68 -19.78
C MET A 216 6.25 -3.34 -20.06
N ASP A 217 7.02 -2.26 -20.16
CA ASP A 217 6.44 -0.99 -20.56
C ASP A 217 5.83 -1.08 -21.96
N GLU A 218 6.45 -1.86 -22.84
CA GLU A 218 5.89 -2.08 -24.16
C GLU A 218 4.69 -3.01 -24.12
N ALA A 219 4.67 -3.97 -23.18
CA ALA A 219 3.46 -4.77 -23.01
C ALA A 219 2.31 -3.92 -22.47
N SER A 220 2.59 -3.00 -21.54
CA SER A 220 1.52 -2.17 -20.99
C SER A 220 0.90 -1.28 -22.07
N SER A 221 1.75 -0.67 -22.89
CA SER A 221 1.25 0.21 -23.93
C SER A 221 0.48 -0.58 -24.98
N PHE A 222 0.91 -1.81 -25.26
CA PHE A 222 0.27 -2.64 -26.26
C PHE A 222 -1.12 -3.07 -25.82
N ALA A 223 -1.23 -3.68 -24.64
CA ALA A 223 -2.54 -4.15 -24.19
C ALA A 223 -3.48 -2.98 -23.94
N GLN A 224 -2.99 -1.89 -23.34
CA GLN A 224 -3.86 -0.75 -23.07
C GLN A 224 -4.50 -0.23 -24.36
N ASN A 225 -3.67 0.08 -25.36
CA ASN A 225 -4.21 0.59 -26.61
C ASN A 225 -5.12 -0.42 -27.27
N HIS A 226 -4.74 -1.71 -27.25
CA HIS A 226 -5.59 -2.71 -27.87
C HIS A 226 -6.84 -2.96 -27.06
N LEU A 227 -6.77 -2.82 -25.72
CA LEU A 227 -7.97 -2.95 -24.92
C LEU A 227 -8.83 -1.70 -25.01
N ASP A 228 -8.20 -0.53 -25.10
CA ASP A 228 -8.99 0.70 -25.32
C ASP A 228 -9.78 0.61 -26.62
N SER A 229 -9.18 0.04 -27.67
CA SER A 229 -9.89 -0.10 -28.94
C SER A 229 -11.11 -0.98 -28.78
N TRP A 230 -10.93 -2.15 -28.15
CA TRP A 230 -12.04 -3.06 -27.87
C TRP A 230 -13.19 -2.33 -27.18
N ILE A 231 -12.85 -1.51 -26.18
CA ILE A 231 -13.88 -0.82 -25.40
C ILE A 231 -14.69 0.13 -26.28
N GLY A 232 -13.98 0.92 -27.09
CA GLY A 232 -14.64 1.90 -27.94
C GLY A 232 -15.39 1.33 -29.12
N GLY A 233 -15.29 0.03 -29.33
CA GLY A 233 -15.85 -0.56 -30.51
C GLY A 233 -17.15 -1.25 -30.26
N ASN A 234 -17.34 -2.35 -30.98
CA ASN A 234 -18.63 -2.79 -31.45
C ASN A 234 -19.18 -3.85 -30.54
N VAL A 235 -18.28 -4.72 -30.16
CA VAL A 235 -18.59 -5.98 -29.53
C VAL A 235 -18.59 -5.87 -28.03
N SER A 236 -17.80 -4.94 -27.52
CA SER A 236 -17.51 -4.84 -26.12
C SER A 236 -18.76 -4.68 -25.30
N GLY A 237 -19.70 -3.88 -25.76
CA GLY A 237 -21.11 -3.99 -25.42
C GLY A 237 -21.80 -5.28 -25.03
N ALA A 238 -21.46 -6.39 -25.68
CA ALA A 238 -22.17 -7.64 -25.59
C ALA A 238 -21.88 -8.42 -24.34
N THR A 239 -20.81 -8.05 -23.67
CA THR A 239 -20.37 -8.72 -22.48
C THR A 239 -20.03 -7.67 -21.46
N PRO A 240 -21.04 -7.13 -20.81
CA PRO A 240 -20.93 -5.92 -20.01
C PRO A 240 -20.06 -6.07 -18.78
N HIS A 241 -20.29 -7.14 -18.02
CA HIS A 241 -19.54 -7.42 -16.82
C HIS A 241 -18.08 -7.55 -17.12
N LEU A 242 -17.72 -8.13 -18.25
CA LEU A 242 -16.31 -8.15 -18.60
C LEU A 242 -15.82 -6.76 -18.99
N LEU A 243 -16.63 -6.02 -19.78
CA LEU A 243 -16.26 -4.66 -20.15
C LEU A 243 -15.96 -3.83 -18.92
N LYS A 244 -16.89 -3.81 -17.96
CA LYS A 244 -16.70 -3.01 -16.74
C LYS A 244 -15.41 -3.39 -16.01
N HIS A 245 -15.18 -4.70 -15.84
CA HIS A 245 -13.96 -5.15 -15.18
C HIS A 245 -12.72 -4.62 -15.89
N ILE A 246 -12.72 -4.61 -17.22
CA ILE A 246 -11.56 -4.12 -17.94
C ILE A 246 -11.42 -2.62 -17.78
N GLN A 247 -12.54 -1.87 -17.83
CA GLN A 247 -12.50 -0.42 -17.55
C GLN A 247 -11.94 -0.16 -16.15
N ASN A 248 -12.41 -0.91 -15.15
CA ASN A 248 -11.85 -0.74 -13.81
C ASN A 248 -10.35 -1.00 -13.81
N SER A 249 -9.92 -2.09 -14.44
CA SER A 249 -8.51 -2.47 -14.39
C SER A 249 -7.64 -1.45 -15.09
N LEU A 250 -8.08 -0.92 -16.23
CA LEU A 250 -7.28 0.08 -16.93
C LEU A 250 -7.18 1.35 -16.11
N TYR A 251 -8.22 1.69 -15.35
CA TYR A 251 -8.19 2.91 -14.53
C TYR A 251 -7.34 2.69 -13.28
N ILE A 252 -7.49 1.53 -12.64
CA ILE A 252 -6.72 1.24 -11.43
C ILE A 252 -6.11 -0.15 -11.56
N PRO A 253 -4.89 -0.25 -12.08
CA PRO A 253 -4.25 -1.56 -12.24
C PRO A 253 -4.13 -2.24 -10.89
N ARG A 254 -4.29 -3.57 -10.93
CA ARG A 254 -4.30 -4.39 -9.72
C ARG A 254 -3.11 -4.08 -8.82
N TYR A 255 -1.93 -4.01 -9.38
CA TYR A 255 -0.75 -3.75 -8.58
C TYR A 255 -0.47 -2.26 -8.44
N CYS A 256 -1.42 -1.42 -8.84
CA CYS A 256 -1.51 -0.03 -8.41
C CYS A 256 -2.68 0.18 -7.45
N ASN A 257 -3.14 -0.90 -6.81
CA ASN A 257 -4.28 -0.89 -5.93
C ASN A 257 -3.91 -1.76 -4.73
N ILE A 258 -4.69 -1.68 -3.65
CA ILE A 258 -4.37 -2.46 -2.45
C ILE A 258 -5.23 -3.72 -2.45
N GLU A 259 -4.72 -4.73 -1.75
CA GLU A 259 -5.22 -6.10 -1.88
C GLU A 259 -6.73 -6.20 -1.63
N VAL A 260 -7.23 -5.55 -0.57
CA VAL A 260 -8.63 -5.78 -0.22
C VAL A 260 -9.57 -5.09 -1.21
N LEU A 261 -9.18 -3.93 -1.74
CA LEU A 261 -10.01 -3.32 -2.78
C LEU A 261 -9.99 -4.12 -4.07
N VAL A 262 -8.83 -4.68 -4.43
CA VAL A 262 -8.79 -5.61 -5.57
C VAL A 262 -9.77 -6.76 -5.34
N ALA A 263 -9.78 -7.30 -4.12
CA ALA A 263 -10.68 -8.41 -3.80
C ALA A 263 -12.13 -7.97 -3.89
N ARG A 264 -12.45 -6.79 -3.33
CA ARG A 264 -13.82 -6.29 -3.37
C ARG A 264 -14.35 -6.26 -4.79
N GLU A 265 -13.56 -5.72 -5.72
CA GLU A 265 -14.02 -5.57 -7.10
C GLU A 265 -14.02 -6.91 -7.83
N TYR A 266 -13.04 -7.77 -7.58
CA TYR A 266 -12.99 -9.04 -8.29
C TYR A 266 -14.16 -9.93 -7.89
N ILE A 267 -14.69 -9.77 -6.67
CA ILE A 267 -15.87 -10.49 -6.23
C ILE A 267 -17.07 -10.13 -7.09
N SER A 268 -17.28 -8.84 -7.34
CA SER A 268 -18.38 -8.43 -8.21
C SER A 268 -18.21 -9.01 -9.61
N TYR A 269 -16.99 -8.95 -10.12
CA TYR A 269 -16.69 -9.46 -11.45
C TYR A 269 -16.82 -10.97 -11.53
N TYR A 270 -16.28 -11.67 -10.54
CA TYR A 270 -16.33 -13.14 -10.57
C TYR A 270 -17.77 -13.64 -10.47
N GLU A 271 -18.61 -12.92 -9.72
CA GLU A 271 -20.00 -13.33 -9.56
C GLU A 271 -20.72 -13.41 -10.91
N GLN A 272 -20.29 -12.61 -11.88
CA GLN A 272 -20.96 -12.55 -13.18
C GLN A 272 -20.31 -13.44 -14.23
N GLU A 273 -19.30 -14.21 -13.87
CA GLU A 273 -18.65 -15.11 -14.82
C GLU A 273 -19.40 -16.44 -14.84
N GLU A 274 -19.98 -16.78 -15.98
CA GLU A 274 -20.63 -18.07 -16.12
C GLU A 274 -19.61 -19.17 -15.84
N GLY A 275 -19.98 -20.10 -14.96
CA GLY A 275 -19.05 -21.14 -14.53
C GLY A 275 -18.23 -20.80 -13.30
N HIS A 276 -18.44 -19.64 -12.69
CA HIS A 276 -17.72 -19.34 -11.46
C HIS A 276 -18.03 -20.40 -10.40
N ASN A 277 -16.99 -20.75 -9.64
CA ASN A 277 -17.15 -21.71 -8.56
C ASN A 277 -17.93 -21.06 -7.43
N LYS A 278 -19.00 -21.72 -6.99
CA LYS A 278 -19.88 -21.09 -6.01
C LYS A 278 -19.29 -21.14 -4.60
N ILE A 279 -18.54 -22.20 -4.30
CA ILE A 279 -17.82 -22.27 -3.03
C ILE A 279 -16.89 -21.07 -2.91
N LEU A 280 -16.02 -20.87 -3.90
CA LEU A 280 -15.01 -19.83 -3.81
C LEU A 280 -15.63 -18.45 -3.75
N LEU A 281 -16.68 -18.22 -4.55
CA LEU A 281 -17.37 -16.94 -4.50
C LEU A 281 -17.90 -16.68 -3.09
N LYS A 282 -18.66 -17.65 -2.55
CA LYS A 282 -19.26 -17.47 -1.24
C LYS A 282 -18.21 -17.33 -0.17
N PHE A 283 -17.14 -18.11 -0.27
CA PHE A 283 -16.01 -17.99 0.64
C PHE A 283 -15.41 -16.58 0.61
N ALA A 284 -15.17 -16.06 -0.59
CA ALA A 284 -14.61 -14.70 -0.72
C ALA A 284 -15.55 -13.65 -0.11
N LYS A 285 -16.85 -13.79 -0.33
CA LYS A 285 -17.78 -12.83 0.27
C LYS A 285 -17.71 -12.88 1.79
N LEU A 286 -17.79 -14.09 2.36
CA LEU A 286 -17.65 -14.24 3.80
C LEU A 286 -16.34 -13.66 4.27
N ASN A 287 -15.26 -13.98 3.58
CA ASN A 287 -13.96 -13.44 3.97
C ASN A 287 -13.96 -11.91 3.93
N PHE A 288 -14.57 -11.31 2.91
CA PHE A 288 -14.55 -9.85 2.85
C PHE A 288 -15.37 -9.26 3.99
N ASN A 289 -16.56 -9.79 4.23
CA ASN A 289 -17.42 -9.23 5.27
C ASN A 289 -16.77 -9.38 6.64
N PHE A 290 -16.03 -10.48 6.85
CA PHE A 290 -15.29 -10.68 8.08
C PHE A 290 -14.19 -9.63 8.21
N CYS A 291 -13.36 -9.47 7.17
CA CYS A 291 -12.35 -8.41 7.15
C CYS A 291 -12.96 -7.04 7.45
N GLN A 292 -14.09 -6.72 6.82
CA GLN A 292 -14.66 -5.39 6.97
C GLN A 292 -15.21 -5.19 8.37
N PHE A 293 -15.72 -6.26 8.98
CA PHE A 293 -16.13 -6.20 10.38
C PHE A 293 -14.98 -5.75 11.27
N HIS A 294 -13.75 -6.26 11.02
CA HIS A 294 -12.60 -5.84 11.83
C HIS A 294 -12.28 -4.36 11.62
N TYR A 295 -12.25 -3.90 10.36
CA TYR A 295 -11.91 -2.50 10.09
C TYR A 295 -12.86 -1.53 10.78
N ILE A 296 -14.18 -1.81 10.72
CA ILE A 296 -15.14 -0.94 11.41
C ILE A 296 -14.87 -0.95 12.92
N GLN A 297 -14.67 -2.14 13.50
CA GLN A 297 -14.32 -2.20 14.92
C GLN A 297 -13.02 -1.48 15.20
N GLU A 298 -12.08 -1.50 14.23
CA GLU A 298 -10.81 -0.80 14.42
C GLU A 298 -10.99 0.72 14.35
N LEU A 299 -11.82 1.18 13.40
CA LEU A 299 -12.08 2.61 13.28
C LEU A 299 -12.83 3.12 14.51
N LYS A 300 -13.83 2.35 14.99
CA LYS A 300 -14.52 2.67 16.24
C LYS A 300 -13.51 2.79 17.39
N THR A 301 -12.60 1.82 17.52
CA THR A 301 -11.63 1.83 18.60
C THR A 301 -10.74 3.07 18.51
N LEU A 302 -10.21 3.33 17.31
CA LEU A 302 -9.35 4.50 17.09
C LEU A 302 -10.08 5.80 17.38
N THR A 303 -11.34 5.94 16.92
CA THR A 303 -12.07 7.16 17.18
C THR A 303 -12.21 7.40 18.69
N LYS A 304 -12.59 6.37 19.44
CA LYS A 304 -12.68 6.53 20.89
C LYS A 304 -11.33 6.93 21.47
N TRP A 305 -10.25 6.26 21.05
CA TRP A 305 -8.92 6.61 21.52
C TRP A 305 -8.57 8.06 21.22
N TRP A 306 -8.80 8.48 19.97
CA TRP A 306 -8.44 9.84 19.56
C TRP A 306 -9.23 10.88 20.33
N LYS A 307 -10.52 10.60 20.58
CA LYS A 307 -11.35 11.55 21.29
C LYS A 307 -10.96 11.65 22.77
N ASP A 308 -10.65 10.52 23.41
CA ASP A 308 -10.22 10.55 24.82
C ASP A 308 -8.90 11.33 24.97
N LEU A 309 -8.00 11.17 24.00
CA LEU A 309 -6.80 12.00 23.98
C LEU A 309 -7.15 13.47 23.84
N ASP A 310 -8.14 13.79 23.00
CA ASP A 310 -8.74 15.12 22.95
C ASP A 310 -7.71 16.23 22.68
N LEU A 311 -6.86 16.02 21.66
CA LEU A 311 -5.98 17.11 21.26
C LEU A 311 -6.76 18.23 20.60
N ALA A 312 -7.99 17.96 20.16
CA ALA A 312 -8.78 19.00 19.55
C ALA A 312 -9.14 20.11 20.54
N SER A 313 -9.26 19.78 21.83
CA SER A 313 -9.56 20.80 22.82
C SER A 313 -8.33 21.63 23.17
N LYS A 314 -7.14 21.05 23.09
CA LYS A 314 -5.93 21.74 23.49
C LYS A 314 -5.13 22.29 22.32
N LEU A 315 -5.57 22.05 21.08
CA LEU A 315 -4.80 22.50 19.93
C LEU A 315 -5.74 23.06 18.87
N PRO A 316 -5.28 24.06 18.11
CA PRO A 316 -6.15 24.65 17.07
C PRO A 316 -6.08 23.94 15.73
N TYR A 317 -4.88 23.55 15.31
CA TYR A 317 -4.60 23.15 13.94
C TYR A 317 -4.63 21.63 13.74
N ILE A 318 -5.57 20.93 14.39
CA ILE A 318 -5.65 19.48 14.28
C ILE A 318 -6.55 19.12 13.11
N ARG A 319 -6.02 18.34 12.16
CA ARG A 319 -6.85 17.88 11.06
C ARG A 319 -7.40 16.47 11.33
N ASP A 320 -8.40 16.10 10.53
CA ASP A 320 -9.09 14.82 10.64
C ASP A 320 -8.33 13.81 9.79
N ARG A 321 -7.47 13.00 10.42
CA ARG A 321 -6.72 12.00 9.66
C ARG A 321 -7.06 10.59 10.14
N LEU A 322 -8.30 10.39 10.59
CA LEU A 322 -8.68 9.08 11.11
C LEU A 322 -8.63 8.01 10.03
N VAL A 323 -9.45 8.14 8.98
CA VAL A 323 -9.53 7.03 8.04
C VAL A 323 -8.26 6.92 7.20
N GLU A 324 -7.67 8.06 6.84
CA GLU A 324 -6.33 8.05 6.23
C GLU A 324 -5.35 7.25 7.08
N SER A 325 -5.42 7.38 8.40
CA SER A 325 -4.46 6.70 9.26
C SER A 325 -4.76 5.23 9.31
N HIS A 326 -6.04 4.87 9.33
CA HIS A 326 -6.38 3.45 9.27
C HIS A 326 -5.91 2.83 7.95
N LEU A 327 -6.17 3.51 6.82
CA LEU A 327 -5.61 3.06 5.55
C LEU A 327 -4.10 2.90 5.64
N GLY A 328 -3.46 3.70 6.48
CA GLY A 328 -2.03 3.57 6.66
C GLY A 328 -1.63 2.22 7.23
N GLY A 329 -2.54 1.56 7.95
CA GLY A 329 -2.30 0.19 8.36
C GLY A 329 -2.91 -0.80 7.39
N LEU A 330 -4.07 -0.43 6.81
CA LEU A 330 -4.80 -1.35 5.95
C LEU A 330 -4.05 -1.65 4.65
N GLY A 331 -3.41 -0.66 4.05
CA GLY A 331 -2.55 -0.90 2.92
C GLY A 331 -1.53 -2.00 3.20
N PRO A 332 -0.70 -1.79 4.24
CA PRO A 332 0.32 -2.79 4.58
C PRO A 332 -0.24 -4.18 4.83
N TYR A 333 -1.32 -4.31 5.60
CA TYR A 333 -1.90 -5.63 5.77
C TYR A 333 -3.39 -5.53 5.98
N PHE A 334 -4.15 -6.34 5.23
CA PHE A 334 -5.60 -6.30 5.30
C PHE A 334 -6.20 -7.47 6.10
N GLU A 335 -5.43 -8.53 6.38
CA GLU A 335 -6.01 -9.74 6.94
C GLU A 335 -6.47 -9.55 8.41
N PRO A 336 -7.40 -10.40 8.88
CA PRO A 336 -7.90 -10.22 10.27
C PRO A 336 -6.85 -10.40 11.35
N HIS A 337 -5.87 -11.30 11.17
CA HIS A 337 -4.93 -11.49 12.27
C HIS A 337 -3.98 -10.31 12.41
N TYR A 338 -3.94 -9.40 11.45
CA TYR A 338 -3.16 -8.18 11.59
C TYR A 338 -4.01 -7.02 12.13
N SER A 339 -5.16 -7.33 12.72
CA SER A 339 -6.02 -6.29 13.28
C SER A 339 -5.26 -5.41 14.28
N LEU A 340 -4.69 -6.02 15.33
CA LEU A 340 -3.94 -5.23 16.31
C LEU A 340 -2.85 -4.39 15.64
N GLY A 341 -2.07 -5.01 14.76
CA GLY A 341 -1.05 -4.27 14.03
C GLY A 341 -1.60 -3.03 13.33
N ARG A 342 -2.78 -3.15 12.70
CA ARG A 342 -3.40 -2.00 12.05
C ARG A 342 -3.73 -0.90 13.06
N ILE A 343 -4.19 -1.27 14.24
CA ILE A 343 -4.55 -0.25 15.23
C ILE A 343 -3.29 0.47 15.71
N ILE A 344 -2.23 -0.29 16.03
CA ILE A 344 -0.96 0.30 16.44
C ILE A 344 -0.46 1.28 15.38
N VAL A 345 -0.44 0.85 14.12
CA VAL A 345 0.03 1.75 13.05
C VAL A 345 -0.84 2.99 12.95
N ALA A 346 -2.16 2.84 13.08
CA ALA A 346 -3.02 4.01 12.92
C ALA A 346 -2.85 4.98 14.09
N LYS A 347 -2.62 4.46 15.30
CA LYS A 347 -2.35 5.36 16.43
C LYS A 347 -1.05 6.11 16.24
N ILE A 348 -0.01 5.42 15.78
CA ILE A 348 1.28 6.07 15.61
C ILE A 348 1.19 7.14 14.54
N ILE A 349 0.50 6.82 13.44
CA ILE A 349 0.41 7.77 12.34
C ILE A 349 -0.34 9.03 12.77
N MET A 350 -1.54 8.86 13.33
CA MET A 350 -2.29 10.03 13.79
C MET A 350 -1.46 10.88 14.75
N THR A 351 -0.60 10.25 15.56
CA THR A 351 0.21 10.99 16.51
C THR A 351 1.35 11.72 15.81
N MET A 352 2.17 10.98 15.05
CA MET A 352 3.34 11.55 14.41
C MET A 352 2.94 12.59 13.38
N VAL A 353 1.74 12.47 12.87
CA VAL A 353 1.22 13.43 11.92
C VAL A 353 0.96 14.77 12.61
N VAL A 354 0.51 14.75 13.87
CA VAL A 354 0.42 16.00 14.64
C VAL A 354 1.79 16.63 14.83
N VAL A 355 2.83 15.82 15.06
CA VAL A 355 4.18 16.36 15.22
C VAL A 355 4.68 16.99 13.92
N ASP A 356 4.35 16.36 12.80
CA ASP A 356 4.77 16.89 11.50
C ASP A 356 4.05 18.19 11.17
N ASP A 357 2.77 18.29 11.50
CA ASP A 357 2.06 19.57 11.37
C ASP A 357 2.64 20.63 12.26
N THR A 358 3.36 20.26 13.31
CA THR A 358 3.93 21.25 14.19
C THR A 358 5.18 21.86 13.58
N TYR A 359 5.88 21.08 12.77
CA TYR A 359 6.99 21.61 12.00
C TYR A 359 6.41 22.46 10.90
N ASP A 360 6.29 23.76 11.20
CA ASP A 360 5.52 24.68 10.39
C ASP A 360 6.30 25.99 10.29
N ALA A 361 6.33 26.55 9.08
CA ALA A 361 7.05 27.79 8.83
C ALA A 361 6.66 28.89 9.81
N HIS A 362 5.45 28.84 10.37
CA HIS A 362 4.99 29.87 11.30
C HIS A 362 5.40 29.61 12.75
N ALA A 363 6.13 28.53 13.01
CA ALA A 363 6.87 28.40 14.26
C ALA A 363 8.21 29.12 14.11
N THR A 364 8.64 29.82 15.16
CA THR A 364 9.82 30.65 15.03
C THR A 364 11.08 29.81 15.14
N VAL A 365 12.25 30.45 14.97
CA VAL A 365 13.52 29.74 15.11
C VAL A 365 13.69 29.17 16.51
N PRO A 366 13.50 29.96 17.59
CA PRO A 366 13.65 29.35 18.93
C PRO A 366 12.68 28.20 19.18
N GLU A 367 11.41 28.34 18.80
CA GLU A 367 10.46 27.25 19.02
C GLU A 367 10.92 25.98 18.33
N VAL A 368 11.19 26.05 17.02
CA VAL A 368 11.53 24.86 16.28
C VAL A 368 12.85 24.30 16.76
N ALA A 369 13.78 25.17 17.15
CA ALA A 369 15.03 24.69 17.74
C ALA A 369 14.75 23.84 18.98
N VAL A 370 13.87 24.31 19.86
CA VAL A 370 13.65 23.62 21.12
C VAL A 370 12.81 22.37 20.90
N LEU A 371 11.84 22.45 20.00
CA LEU A 371 11.06 21.27 19.65
C LEU A 371 11.95 20.18 19.10
N THR A 372 12.82 20.54 18.16
CA THR A 372 13.73 19.55 17.61
C THR A 372 14.61 18.94 18.69
N GLU A 373 15.02 19.72 19.67
CA GLU A 373 15.94 19.24 20.64
C GLU A 373 15.30 18.31 21.63
N CYS A 374 14.05 18.56 21.93
CA CYS A 374 13.26 17.70 22.76
C CYS A 374 13.00 16.36 22.09
N LEU A 375 12.90 16.35 20.78
CA LEU A 375 12.78 15.12 20.03
C LEU A 375 14.10 14.35 19.88
N GLN A 376 15.22 14.99 20.15
CA GLN A 376 16.48 14.28 20.28
C GLN A 376 16.66 13.65 21.65
N ARG A 377 16.24 14.34 22.68
CA ARG A 377 16.38 13.86 24.03
C ARG A 377 15.26 12.96 24.46
N LEU A 378 14.17 13.02 23.75
CA LEU A 378 12.92 12.44 24.13
C LEU A 378 12.37 12.81 25.50
N ASN A 379 12.58 14.04 25.91
CA ASN A 379 11.96 14.57 27.10
C ASN A 379 11.66 16.06 27.02
N ILE A 380 11.33 16.61 28.15
CA ILE A 380 10.05 17.17 28.45
C ILE A 380 10.20 18.62 28.13
N GLY A 381 11.14 19.21 28.83
CA GLY A 381 12.05 20.17 28.26
C GLY A 381 13.27 20.18 29.13
N ALA A 382 13.42 21.22 29.93
CA ALA A 382 13.30 21.08 31.35
C ALA A 382 12.08 21.97 31.43
N ASP A 383 11.76 22.41 32.62
CA ASP A 383 11.00 23.58 32.37
C ASP A 383 12.07 24.61 32.17
N ASP A 384 12.72 24.54 31.02
CA ASP A 384 13.69 25.53 30.65
C ASP A 384 13.40 26.03 29.26
N LYS A 385 12.12 26.15 28.92
CA LYS A 385 11.58 25.87 27.60
C LYS A 385 10.43 26.80 27.18
N LEU A 386 9.56 26.38 26.26
CA LEU A 386 8.74 27.26 25.42
C LEU A 386 7.18 27.05 25.39
N PRO A 387 6.47 27.40 24.32
CA PRO A 387 5.05 27.75 24.38
C PRO A 387 4.08 26.62 24.51
N ASP A 388 2.82 26.92 24.72
CA ASP A 388 1.94 25.98 25.37
C ASP A 388 1.45 24.90 24.43
N TYR A 389 0.94 25.26 23.27
CA TYR A 389 0.50 24.27 22.31
C TYR A 389 1.63 23.32 21.96
N LEU A 390 2.86 23.84 21.94
CA LEU A 390 4.02 23.03 21.58
C LEU A 390 4.37 22.06 22.70
N ARG A 391 4.33 22.53 23.95
CA ARG A 391 4.47 21.64 25.09
C ARG A 391 3.38 20.57 25.09
N THR A 392 2.13 20.95 24.79
CA THR A 392 1.07 19.96 24.73
C THR A 392 1.37 18.86 23.72
N VAL A 393 1.94 19.23 22.57
CA VAL A 393 2.20 18.22 21.54
C VAL A 393 3.31 17.26 21.99
N LEU A 394 4.41 17.80 22.50
CA LEU A 394 5.48 16.90 22.94
C LEU A 394 5.00 15.96 24.04
N GLU A 395 4.30 16.50 25.05
CA GLU A 395 3.74 15.68 26.12
C GLU A 395 2.88 14.54 25.59
N SER A 396 1.96 14.85 24.66
CA SER A 396 1.07 13.82 24.09
C SER A 396 1.86 12.72 23.41
N VAL A 397 2.80 13.09 22.54
CA VAL A 397 3.61 12.12 21.82
C VAL A 397 4.30 11.17 22.79
N PHE A 398 4.96 11.73 23.81
CA PHE A 398 5.64 10.89 24.79
C PHE A 398 4.66 10.01 25.52
N GLU A 399 3.47 10.54 25.84
CA GLU A 399 2.47 9.77 26.57
C GLU A 399 1.84 8.68 25.69
N VAL A 400 1.53 9.00 24.43
CA VAL A 400 0.96 8.00 23.53
C VAL A 400 1.96 6.86 23.32
N MET A 401 3.23 7.20 23.04
CA MET A 401 4.24 6.17 22.80
C MET A 401 4.56 5.38 24.07
N GLY A 402 4.49 6.02 25.23
CA GLY A 402 4.73 5.28 26.47
C GLY A 402 3.63 4.29 26.75
N GLU A 403 2.39 4.69 26.50
CA GLU A 403 1.25 3.79 26.68
C GLU A 403 1.29 2.64 25.67
N ILE A 404 1.59 2.95 24.39
CA ILE A 404 1.67 1.85 23.39
C ILE A 404 2.76 0.87 23.80
N GLU A 405 3.90 1.39 24.24
CA GLU A 405 4.97 0.50 24.67
C GLU A 405 4.52 -0.34 25.85
N GLN A 406 3.76 0.23 26.78
CA GLN A 406 3.28 -0.58 27.91
C GLN A 406 2.33 -1.66 27.45
N GLU A 407 1.46 -1.37 26.48
CA GLU A 407 0.53 -2.38 26.00
C GLU A 407 1.27 -3.55 25.39
N MET A 408 2.29 -3.25 24.60
CA MET A 408 3.06 -4.23 23.85
C MET A 408 4.09 -4.95 24.71
N ARG A 409 4.29 -4.50 25.94
CA ARG A 409 5.29 -5.15 26.79
C ARG A 409 4.90 -6.57 27.12
N PRO A 410 3.67 -6.88 27.58
CA PRO A 410 3.31 -8.30 27.78
C PRO A 410 3.53 -9.16 26.57
N LYS A 411 3.24 -8.65 25.36
CA LYS A 411 3.50 -9.38 24.12
C LYS A 411 4.96 -9.32 23.70
N GLY A 412 5.86 -8.86 24.57
CA GLY A 412 7.28 -8.86 24.26
C GLY A 412 7.66 -8.06 23.03
N ARG A 413 6.92 -6.99 22.73
CA ARG A 413 7.20 -6.11 21.60
C ARG A 413 7.44 -4.65 21.99
N SER A 414 7.88 -4.39 23.22
CA SER A 414 8.08 -3.00 23.60
C SER A 414 9.32 -2.39 22.94
N TYR A 415 10.33 -3.21 22.61
CA TYR A 415 11.51 -2.69 21.93
C TYR A 415 11.15 -2.02 20.60
N GLY A 416 10.15 -2.55 19.90
CA GLY A 416 9.79 -1.97 18.63
C GLY A 416 9.05 -0.66 18.78
N VAL A 417 8.24 -0.53 19.83
CA VAL A 417 7.57 0.73 20.07
C VAL A 417 8.62 1.80 20.37
N LYS A 418 9.64 1.43 21.16
CA LYS A 418 10.74 2.35 21.48
C LYS A 418 11.42 2.89 20.22
N GLN A 419 11.57 2.06 19.18
CA GLN A 419 12.25 2.47 17.96
C GLN A 419 11.55 3.64 17.28
N VAL A 420 10.24 3.76 17.44
CA VAL A 420 9.48 4.82 16.77
C VAL A 420 10.18 6.15 16.95
N LEU A 421 10.30 6.61 18.19
CA LEU A 421 10.86 7.92 18.44
C LEU A 421 12.37 7.94 18.28
N GLU A 422 13.05 6.78 18.41
CA GLU A 422 14.47 6.76 18.10
C GLU A 422 14.71 7.05 16.62
N ARG A 423 13.99 6.33 15.74
CA ARG A 423 14.13 6.58 14.30
C ARG A 423 13.64 7.96 13.91
N PHE A 424 12.72 8.53 14.69
CA PHE A 424 12.20 9.83 14.33
C PHE A 424 13.18 10.98 14.60
N LYS A 425 14.23 10.76 15.42
CA LYS A 425 15.12 11.87 15.78
C LYS A 425 15.68 12.55 14.54
N ASN A 426 16.08 11.76 13.53
CA ASN A 426 16.60 12.30 12.28
C ASN A 426 15.51 12.83 11.36
N VAL A 427 14.27 12.36 11.51
CA VAL A 427 13.18 13.02 10.80
C VAL A 427 12.98 14.43 11.36
N ALA A 428 13.13 14.58 12.69
CA ALA A 428 12.92 15.88 13.31
C ALA A 428 13.98 16.88 12.83
N LYS A 429 15.26 16.48 12.85
CA LYS A 429 16.30 17.39 12.35
C LYS A 429 16.07 17.73 10.89
N ALA A 430 15.60 16.77 10.10
CA ALA A 430 15.29 17.08 8.71
C ALA A 430 14.13 18.07 8.63
N ASP A 431 13.05 17.81 9.37
CA ASP A 431 11.91 18.72 9.44
C ASP A 431 12.32 20.12 9.88
N LYS A 432 13.33 20.25 10.74
CA LYS A 432 13.77 21.58 11.14
C LYS A 432 14.35 22.34 9.96
N GLN A 433 15.18 21.68 9.15
CA GLN A 433 15.72 22.31 7.95
C GLN A 433 14.61 22.69 6.97
N LEU A 434 13.65 21.79 6.73
CA LEU A 434 12.52 22.13 5.85
C LEU A 434 11.85 23.41 6.33
N THR A 435 11.75 23.60 7.63
CA THR A 435 11.05 24.75 8.16
C THR A 435 11.81 26.04 7.90
N GLU A 436 13.15 26.00 8.01
CA GLU A 436 13.96 27.18 7.72
C GLU A 436 13.78 27.61 6.26
N TRP A 437 13.78 26.65 5.33
CA TRP A 437 13.52 26.97 3.94
C TRP A 437 12.18 27.67 3.78
N ALA A 438 11.13 27.09 4.35
CA ALA A 438 9.79 27.66 4.21
C ALA A 438 9.69 29.01 4.91
N ARG A 439 10.31 29.15 6.07
CA ARG A 439 10.19 30.38 6.83
C ARG A 439 10.89 31.55 6.14
N THR A 440 12.06 31.30 5.58
CA THR A 440 12.74 32.34 4.85
C THR A 440 12.24 32.45 3.42
N GLY A 441 11.47 31.48 2.95
CA GLY A 441 11.01 31.46 1.59
C GLY A 441 12.03 31.00 0.57
N ASP A 442 13.12 30.36 1.02
CA ASP A 442 14.14 29.85 0.10
C ASP A 442 13.62 28.61 -0.60
N VAL A 443 13.79 28.55 -1.91
CA VAL A 443 13.38 27.35 -2.63
C VAL A 443 14.68 26.68 -3.06
N PRO A 444 15.07 25.59 -2.42
CA PRO A 444 16.35 24.97 -2.76
C PRO A 444 16.34 24.41 -4.17
N SER A 445 17.51 23.94 -4.60
CA SER A 445 17.57 23.06 -5.75
C SER A 445 16.74 21.81 -5.48
N PHE A 446 16.22 21.20 -6.54
CA PHE A 446 15.54 19.92 -6.37
C PHE A 446 16.48 18.86 -5.82
N ASP A 447 17.71 18.83 -6.32
CA ASP A 447 18.64 17.78 -5.89
C ASP A 447 18.96 17.91 -4.40
N GLU A 448 19.13 19.14 -3.93
CA GLU A 448 19.41 19.39 -2.52
C GLU A 448 18.15 19.27 -1.65
N TYR A 449 16.97 19.54 -2.21
CA TYR A 449 15.75 19.30 -1.46
C TYR A 449 15.61 17.84 -1.10
N MET A 450 15.94 16.94 -2.03
CA MET A 450 15.63 15.53 -1.84
C MET A 450 16.49 14.91 -0.76
N LYS A 451 17.73 15.40 -0.61
CA LYS A 451 18.59 14.92 0.45
C LYS A 451 17.95 15.08 1.82
N VAL A 452 17.17 16.14 2.01
CA VAL A 452 16.38 16.29 3.22
C VAL A 452 15.08 15.51 3.11
N GLY A 453 14.47 15.52 1.92
CA GLY A 453 13.13 14.98 1.78
C GLY A 453 13.07 13.48 1.91
N LEU A 454 14.15 12.78 1.59
CA LEU A 454 14.16 11.33 1.76
C LEU A 454 14.38 10.93 3.21
N VAL A 455 14.96 11.81 4.01
CA VAL A 455 14.98 11.62 5.46
C VAL A 455 13.58 11.82 6.05
N THR A 456 12.93 12.94 5.69
CA THR A 456 11.59 13.19 6.22
C THR A 456 10.59 12.13 5.76
N ALA A 457 10.88 11.42 4.67
CA ALA A 457 9.92 10.42 4.20
C ALA A 457 9.75 9.29 5.19
N GLY A 458 10.82 8.91 5.90
CA GLY A 458 10.72 8.03 7.05
C GLY A 458 10.23 6.62 6.77
N MET A 459 10.47 6.09 5.57
CA MET A 459 9.93 4.77 5.25
C MET A 459 10.48 3.70 6.17
N ASP A 460 11.69 3.88 6.69
CA ASP A 460 12.20 2.96 7.71
C ASP A 460 11.35 3.04 8.97
N GLY A 461 10.93 4.25 9.35
CA GLY A 461 10.02 4.37 10.48
C GLY A 461 8.68 3.72 10.21
N TYR A 462 8.14 3.95 9.01
CA TYR A 462 6.83 3.41 8.68
C TYR A 462 6.84 1.88 8.73
N ALA A 463 7.94 1.26 8.29
CA ALA A 463 8.02 -0.18 8.30
C ALA A 463 8.12 -0.71 9.72
N GLY A 464 8.83 0.01 10.59
CA GLY A 464 8.88 -0.37 11.99
C GLY A 464 7.51 -0.35 12.66
N TYR A 465 6.70 0.69 12.38
CA TYR A 465 5.34 0.72 12.91
C TYR A 465 4.60 -0.58 12.62
N CYS A 466 4.65 -1.05 11.36
CA CYS A 466 3.89 -2.24 10.99
C CYS A 466 4.46 -3.49 11.64
N PHE A 467 5.79 -3.54 11.80
CA PHE A 467 6.45 -4.69 12.42
C PHE A 467 5.99 -4.91 13.86
N ILE A 468 5.56 -3.86 14.55
CA ILE A 468 5.24 -3.97 15.97
C ILE A 468 4.18 -5.02 16.20
N GLY A 469 3.07 -4.94 15.48
CA GLY A 469 1.97 -5.87 15.72
C GLY A 469 2.05 -7.16 14.92
N MET A 470 3.23 -7.53 14.47
CA MET A 470 3.41 -8.77 13.70
C MET A 470 4.21 -9.75 14.55
N GLU A 471 3.51 -10.67 15.21
CA GLU A 471 4.18 -11.51 16.21
C GLU A 471 5.25 -12.40 15.60
N ASP A 472 5.13 -12.77 14.33
CA ASP A 472 6.06 -13.68 13.67
C ASP A 472 7.12 -12.96 12.87
N VAL A 473 7.57 -11.81 13.36
CA VAL A 473 8.69 -11.08 12.76
C VAL A 473 9.60 -10.78 13.93
N SER A 474 10.66 -11.56 14.09
CA SER A 474 11.51 -11.41 15.26
C SER A 474 11.98 -9.96 15.34
N GLU A 475 12.04 -9.44 16.57
CA GLU A 475 12.14 -8.00 16.71
C GLU A 475 13.49 -7.49 16.22
N LYS A 476 14.52 -8.20 16.59
CA LYS A 476 15.84 -7.77 16.25
C LYS A 476 16.25 -8.27 14.89
N GLU A 477 15.59 -9.28 14.37
CA GLU A 477 15.69 -9.58 12.95
C GLU A 477 15.24 -8.35 12.15
N ALA A 478 14.00 -7.93 12.28
CA ALA A 478 13.50 -6.82 11.53
C ALA A 478 14.30 -5.52 11.65
N PHE A 479 14.62 -5.10 12.85
CA PHE A 479 15.40 -3.90 13.03
C PHE A 479 16.87 -3.92 12.62
N GLU A 480 17.50 -5.10 12.69
CA GLU A 480 18.72 -5.39 11.92
C GLU A 480 18.60 -4.89 10.53
N TRP A 481 17.62 -5.42 9.85
CA TRP A 481 17.42 -5.14 8.47
C TRP A 481 17.24 -3.68 8.21
N LEU A 482 16.28 -3.07 8.87
CA LEU A 482 16.01 -1.66 8.66
C LEU A 482 17.21 -0.73 8.79
N SER A 483 17.99 -0.92 9.83
CA SER A 483 19.15 -0.05 10.02
C SER A 483 20.32 -0.45 9.14
N SER A 484 20.24 -1.59 8.44
CA SER A 484 21.15 -1.89 7.35
C SER A 484 20.81 -1.13 6.07
N ASN A 485 19.86 -0.18 6.15
CA ASN A 485 19.30 0.65 5.07
C ASN A 485 19.14 -0.16 3.78
N PRO A 486 18.15 -1.05 3.72
CA PRO A 486 17.95 -1.82 2.49
C PRO A 486 17.55 -0.92 1.35
N LEU A 487 18.00 -1.29 0.15
CA LEU A 487 17.65 -0.49 -1.02
C LEU A 487 16.14 -0.40 -1.21
N ILE A 488 15.39 -1.42 -0.79
CA ILE A 488 13.94 -1.37 -0.98
C ILE A 488 13.33 -0.25 -0.16
N ILE A 489 13.87 0.02 1.03
CA ILE A 489 13.39 1.12 1.84
C ILE A 489 13.84 2.45 1.26
N GLN A 490 15.01 2.48 0.63
CA GLN A 490 15.44 3.67 -0.10
C GLN A 490 14.46 4.01 -1.22
N ALA A 491 14.11 3.01 -2.05
CA ALA A 491 13.20 3.26 -3.17
C ALA A 491 11.82 3.70 -2.69
N LEU A 492 11.30 3.06 -1.64
CA LEU A 492 10.03 3.49 -1.07
C LEU A 492 10.08 4.94 -0.60
N ASN A 493 11.24 5.39 -0.09
CA ASN A 493 11.34 6.77 0.37
C ASN A 493 11.18 7.74 -0.80
N VAL A 494 11.82 7.44 -1.94
CA VAL A 494 11.67 8.26 -3.14
C VAL A 494 10.22 8.32 -3.58
N MET A 495 9.58 7.15 -3.66
CA MET A 495 8.17 7.10 -4.07
C MET A 495 7.28 7.94 -3.17
N PHE A 496 7.32 7.72 -1.85
CA PHE A 496 6.43 8.48 -0.98
C PHE A 496 6.73 9.97 -1.07
N ARG A 497 8.00 10.35 -0.99
CA ARG A 497 8.36 11.77 -0.99
C ARG A 497 7.82 12.47 -2.24
N LEU A 498 8.05 11.86 -3.41
CA LEU A 498 7.62 12.42 -4.69
C LEU A 498 6.10 12.40 -4.83
N ALA A 499 5.48 11.26 -4.51
CA ALA A 499 4.03 11.14 -4.61
C ALA A 499 3.32 12.09 -3.64
N ASN A 500 3.83 12.21 -2.43
CA ASN A 500 3.19 13.07 -1.46
C ASN A 500 3.31 14.53 -1.87
N ASP A 501 4.51 14.97 -2.28
CA ASP A 501 4.68 16.41 -2.53
C ASP A 501 3.98 16.84 -3.80
N VAL A 502 3.95 16.00 -4.83
CA VAL A 502 3.18 16.39 -6.00
C VAL A 502 1.69 16.33 -5.69
N GLY A 503 1.24 15.26 -5.04
CA GLY A 503 -0.17 15.08 -4.82
C GLY A 503 -0.79 16.13 -3.93
N THR A 504 -0.02 16.68 -3.00
CA THR A 504 -0.55 17.66 -2.06
C THR A 504 -0.12 19.08 -2.40
N TYR A 505 0.31 19.33 -3.64
CA TYR A 505 0.94 20.59 -4.01
C TYR A 505 0.09 21.82 -3.70
N GLU A 506 -1.22 21.75 -4.01
CA GLU A 506 -2.07 22.92 -3.79
C GLU A 506 -2.19 23.25 -2.31
N THR A 507 -2.25 22.22 -1.47
CA THR A 507 -2.24 22.46 -0.03
C THR A 507 -0.93 23.08 0.43
N GLU A 508 0.21 22.62 -0.12
CA GLU A 508 1.51 23.10 0.33
C GLU A 508 1.73 24.57 -0.01
N ILE A 509 1.42 24.98 -1.24
CA ILE A 509 1.54 26.38 -1.62
C ILE A 509 0.67 27.26 -0.75
N ASN A 510 -0.54 26.79 -0.44
CA ASN A 510 -1.45 27.54 0.43
C ASN A 510 -0.82 27.81 1.80
N ARG A 511 -0.15 26.81 2.38
CA ARG A 511 0.42 26.93 3.72
C ARG A 511 1.84 27.50 3.74
N GLY A 512 2.40 27.86 2.58
CA GLY A 512 3.72 28.46 2.51
C GLY A 512 4.88 27.50 2.50
N GLU A 513 4.63 26.20 2.30
CA GLU A 513 5.68 25.18 2.21
C GLU A 513 6.21 25.11 0.77
N VAL A 514 6.96 26.14 0.40
CA VAL A 514 7.40 26.24 -0.99
C VAL A 514 8.62 25.38 -1.28
N ALA A 515 9.28 24.84 -0.25
CA ALA A 515 10.34 23.84 -0.42
C ALA A 515 9.67 22.47 -0.48
N ASN A 516 9.44 21.97 -1.70
CA ASN A 516 8.84 20.65 -1.93
C ASN A 516 9.33 20.11 -3.26
N GLY A 517 9.13 18.80 -3.46
CA GLY A 517 9.70 18.12 -4.61
C GLY A 517 9.27 18.72 -5.93
N LEU A 518 7.99 19.04 -6.08
CA LEU A 518 7.53 19.61 -7.34
C LEU A 518 8.11 21.01 -7.53
N ASN A 519 7.85 21.90 -6.57
CA ASN A 519 8.27 23.30 -6.65
C ASN A 519 9.77 23.45 -6.89
N CYS A 520 10.60 22.56 -6.30
CA CYS A 520 12.04 22.68 -6.49
C CYS A 520 12.47 22.22 -7.87
N TYR A 521 11.74 21.29 -8.48
CA TYR A 521 12.06 20.82 -9.81
C TYR A 521 11.69 21.85 -10.87
N MET A 522 10.53 22.52 -10.74
CA MET A 522 10.26 23.66 -11.63
C MET A 522 11.32 24.74 -11.47
N LYS A 523 11.66 25.05 -10.22
CA LYS A 523 12.66 26.09 -9.92
C LYS A 523 13.98 25.80 -10.62
N GLN A 524 14.40 24.54 -10.60
CA GLN A 524 15.71 24.14 -11.10
C GLN A 524 15.75 24.11 -12.63
N TYR A 525 14.68 23.66 -13.27
CA TYR A 525 14.66 23.38 -14.70
C TYR A 525 13.80 24.34 -15.50
N GLY A 526 13.18 25.33 -14.88
CA GLY A 526 12.35 26.27 -15.63
C GLY A 526 11.17 25.63 -16.31
N VAL A 527 10.83 24.38 -15.95
CA VAL A 527 9.68 23.67 -16.49
C VAL A 527 8.43 24.09 -15.76
N THR A 528 7.27 23.91 -16.40
CA THR A 528 6.08 24.24 -15.64
C THR A 528 5.71 23.09 -14.71
N LYS A 529 4.71 23.35 -13.86
CA LYS A 529 4.17 22.35 -12.95
C LYS A 529 3.86 21.02 -13.64
N GLU A 530 3.22 21.08 -14.81
CA GLU A 530 2.83 19.85 -15.50
C GLU A 530 4.04 19.11 -16.04
N GLU A 531 5.06 19.84 -16.50
CA GLU A 531 6.25 19.17 -17.00
C GLU A 531 7.05 18.57 -15.86
N ALA A 532 7.14 19.27 -14.73
CA ALA A 532 7.78 18.70 -13.55
C ALA A 532 6.99 17.51 -13.01
N SER A 533 5.66 17.60 -13.05
CA SER A 533 4.83 16.46 -12.67
C SER A 533 5.19 15.21 -13.48
N GLN A 534 5.24 15.35 -14.81
CA GLN A 534 5.59 14.19 -15.62
C GLN A 534 7.00 13.70 -15.30
N GLU A 535 7.93 14.61 -14.99
CA GLU A 535 9.32 14.20 -14.77
C GLU A 535 9.48 13.36 -13.51
N LEU A 536 8.95 13.86 -12.38
CA LEU A 536 9.01 13.07 -11.15
C LEU A 536 8.15 11.81 -11.22
N ARG A 537 7.12 11.78 -12.07
CA ARG A 537 6.40 10.53 -12.29
C ARG A 537 7.36 9.42 -12.70
N LYS A 538 8.24 9.71 -13.68
CA LYS A 538 9.13 8.67 -14.17
C LYS A 538 10.13 8.24 -13.10
N ILE A 539 10.66 9.20 -12.32
CA ILE A 539 11.48 8.83 -11.18
C ILE A 539 10.70 7.91 -10.26
N TYR A 540 9.39 8.14 -10.15
CA TYR A 540 8.57 7.34 -9.24
C TYR A 540 8.36 5.95 -9.81
N SER A 541 8.06 5.84 -11.12
CA SER A 541 7.92 4.53 -11.76
C SER A 541 9.20 3.71 -11.65
N ASN A 542 10.35 4.37 -11.81
CA ASN A 542 11.61 3.65 -11.72
C ASN A 542 11.82 3.04 -10.34
N ASN A 543 11.56 3.83 -9.28
CA ASN A 543 11.74 3.28 -7.95
C ASN A 543 10.69 2.23 -7.61
N LYS A 544 9.54 2.26 -8.28
CA LYS A 544 8.58 1.19 -8.06
C LYS A 544 9.09 -0.12 -8.66
N LYS A 545 9.71 -0.06 -9.84
CA LYS A 545 10.35 -1.26 -10.39
C LYS A 545 11.49 -1.74 -9.49
N VAL A 546 12.20 -0.79 -8.86
CA VAL A 546 13.23 -1.15 -7.89
C VAL A 546 12.60 -1.90 -6.71
N VAL A 547 11.42 -1.46 -6.24
CA VAL A 547 10.78 -2.16 -5.13
C VAL A 547 10.39 -3.57 -5.55
N MET A 548 9.92 -3.73 -6.79
CA MET A 548 9.53 -5.06 -7.23
C MET A 548 10.74 -5.98 -7.30
N GLU A 549 11.82 -5.52 -7.94
CA GLU A 549 12.98 -6.38 -8.06
C GLU A 549 13.58 -6.69 -6.69
N GLU A 550 13.63 -5.69 -5.79
CA GLU A 550 14.13 -5.95 -4.44
C GLU A 550 13.20 -6.91 -3.70
N PHE A 551 11.89 -6.77 -3.92
CA PHE A 551 10.92 -7.65 -3.28
C PHE A 551 11.18 -9.10 -3.66
N MET A 552 11.49 -9.36 -4.93
CA MET A 552 11.80 -10.74 -5.34
C MET A 552 13.19 -11.18 -4.90
N ASN A 553 14.22 -10.38 -5.19
CA ASN A 553 15.60 -10.78 -4.90
C ASN A 553 15.85 -11.08 -3.43
N SER A 554 15.09 -10.46 -2.55
CA SER A 554 15.33 -10.61 -1.12
C SER A 554 14.58 -11.79 -0.51
N HIS A 555 13.81 -12.53 -1.30
CA HIS A 555 13.16 -13.73 -0.80
C HIS A 555 14.21 -14.77 -0.44
N ASP A 556 13.93 -15.52 0.62
CA ASP A 556 14.85 -16.49 1.22
C ASP A 556 16.10 -15.82 1.80
N HIS A 557 15.99 -14.51 2.07
CA HIS A 557 17.02 -13.76 2.79
C HIS A 557 16.33 -12.84 3.78
N VAL A 558 15.15 -12.37 3.40
CA VAL A 558 14.31 -11.51 4.21
C VAL A 558 12.96 -12.23 4.37
N PRO A 559 12.37 -12.28 5.56
CA PRO A 559 11.05 -12.90 5.71
C PRO A 559 10.06 -12.32 4.70
N ARG A 560 9.26 -13.19 4.10
CA ARG A 560 8.28 -12.75 3.11
C ARG A 560 7.25 -11.84 3.74
N GLN A 561 6.92 -12.10 5.00
CA GLN A 561 5.98 -11.25 5.70
C GLN A 561 6.46 -9.81 5.77
N VAL A 562 7.77 -9.64 5.93
CA VAL A 562 8.37 -8.32 5.94
C VAL A 562 8.36 -7.71 4.54
N LEU A 563 8.68 -8.53 3.52
CA LEU A 563 8.75 -8.00 2.17
C LEU A 563 7.39 -7.57 1.64
N LEU A 564 6.32 -8.29 2.02
CA LEU A 564 4.97 -7.93 1.56
C LEU A 564 4.56 -6.54 2.02
N ARG A 565 4.89 -6.16 3.26
CA ARG A 565 4.58 -4.81 3.71
C ARG A 565 5.24 -3.81 2.79
N CYS A 566 6.49 -4.08 2.42
CA CYS A 566 7.22 -3.16 1.56
C CYS A 566 6.51 -2.98 0.23
N LEU A 567 6.06 -4.08 -0.37
CA LEU A 567 5.39 -3.98 -1.67
C LEU A 567 4.03 -3.31 -1.51
N ASN A 568 3.34 -3.61 -0.40
CA ASN A 568 2.06 -2.96 -0.12
C ASN A 568 2.21 -1.46 0.13
N PHE A 569 3.33 -1.02 0.73
CA PHE A 569 3.59 0.42 0.77
C PHE A 569 3.49 1.02 -0.62
N ALA A 570 4.24 0.45 -1.57
CA ALA A 570 4.22 0.95 -2.95
C ALA A 570 2.79 0.98 -3.47
N ARG A 571 2.05 -0.11 -3.27
CA ARG A 571 0.71 -0.18 -3.84
C ARG A 571 -0.22 0.79 -3.14
N LEU A 572 -0.05 0.95 -1.81
CA LEU A 572 -0.85 1.94 -1.10
C LEU A 572 -0.59 3.35 -1.63
N PHE A 573 0.67 3.67 -1.94
CA PHE A 573 0.97 5.01 -2.44
C PHE A 573 0.29 5.29 -3.77
N ASP A 574 0.14 4.27 -4.63
CA ASP A 574 -0.59 4.50 -5.87
C ASP A 574 -2.05 4.86 -5.62
N VAL A 575 -2.73 4.19 -4.68
CA VAL A 575 -4.15 4.45 -4.51
C VAL A 575 -4.36 5.81 -3.86
N MET A 576 -3.46 6.18 -2.93
CA MET A 576 -3.60 7.44 -2.20
C MET A 576 -3.26 8.64 -3.08
N TYR A 577 -2.31 8.48 -3.98
CA TYR A 577 -1.71 9.67 -4.60
C TYR A 577 -1.86 9.74 -6.11
N THR A 578 -1.83 8.63 -6.82
CA THR A 578 -1.83 8.71 -8.24
C THR A 578 -3.20 8.85 -8.78
N GLU A 579 -3.31 9.72 -9.78
CA GLU A 579 -4.53 10.04 -10.48
C GLU A 579 -4.18 10.08 -11.94
N GLY A 580 -4.66 9.09 -12.69
CA GLY A 580 -4.32 9.00 -14.10
C GLY A 580 -2.84 9.10 -14.33
N ASP A 581 -2.38 10.19 -14.92
CA ASP A 581 -0.96 10.38 -15.16
C ASP A 581 -0.14 11.23 -14.26
N GLY A 582 -0.78 12.10 -13.52
CA GLY A 582 -0.11 12.79 -12.45
C GLY A 582 -0.64 12.27 -11.13
N TYR A 583 -0.85 13.18 -10.21
CA TYR A 583 -0.95 12.88 -8.81
C TYR A 583 -2.05 13.68 -8.20
N SER A 584 -2.71 13.14 -7.20
CA SER A 584 -3.69 13.92 -6.49
C SER A 584 -3.81 13.65 -5.00
N GLU A 585 -4.68 14.39 -4.36
CA GLU A 585 -4.86 14.32 -2.92
C GLU A 585 -5.55 13.04 -2.52
N PRO A 586 -5.20 12.47 -1.40
CA PRO A 586 -5.82 11.19 -1.05
C PRO A 586 -7.27 11.29 -0.62
N LYS A 587 -7.69 12.43 -0.04
CA LYS A 587 -9.07 12.56 0.40
C LYS A 587 -10.04 12.29 -0.76
N GLY A 588 -9.77 12.86 -1.93
CA GLY A 588 -10.61 12.57 -3.08
C GLY A 588 -10.59 11.10 -3.47
N LYS A 589 -9.43 10.45 -3.36
CA LYS A 589 -9.34 9.05 -3.73
C LYS A 589 -10.04 8.15 -2.70
N ILE A 590 -10.00 8.54 -1.42
CA ILE A 590 -10.64 7.72 -0.39
C ILE A 590 -12.17 7.72 -0.53
N GLU A 591 -12.76 8.83 -0.98
CA GLU A 591 -14.22 8.87 -1.10
C GLU A 591 -14.73 7.91 -2.17
N HIS A 592 -13.89 7.52 -3.12
CA HIS A 592 -14.36 6.59 -4.15
C HIS A 592 -14.61 5.19 -3.59
N PHE A 593 -13.90 4.77 -2.54
CA PHE A 593 -14.05 3.41 -2.03
C PHE A 593 -14.42 3.38 -0.56
N MET A 594 -14.73 4.54 0.05
CA MET A 594 -15.03 4.63 1.47
C MET A 594 -16.14 3.67 1.89
N THR A 595 -17.32 3.78 1.27
CA THR A 595 -18.48 3.04 1.76
C THR A 595 -18.40 1.55 1.43
N SER A 596 -17.84 1.19 0.27
CA SER A 596 -17.74 -0.23 -0.04
C SER A 596 -16.73 -0.92 0.87
N LEU A 597 -15.75 -0.17 1.38
CA LEU A 597 -14.73 -0.74 2.24
C LEU A 597 -15.16 -0.72 3.70
N TYR A 598 -15.82 0.35 4.15
CA TYR A 598 -16.02 0.59 5.57
C TYR A 598 -17.47 0.64 6.01
N VAL A 599 -18.44 0.42 5.13
CA VAL A 599 -19.84 0.64 5.52
C VAL A 599 -20.73 -0.53 5.14
N HIS A 600 -20.72 -0.92 3.84
CA HIS A 600 -21.71 -1.86 3.32
C HIS A 600 -21.09 -3.24 3.16
N PRO A 601 -21.64 -4.26 3.82
CA PRO A 601 -21.22 -5.63 3.55
C PRO A 601 -21.69 -6.10 2.18
N ILE A 602 -21.07 -7.19 1.71
CA ILE A 602 -21.57 -7.85 0.50
C ILE A 602 -22.83 -8.63 0.88
N PRO A 603 -23.95 -8.45 0.16
CA PRO A 603 -25.13 -9.28 0.42
C PRO A 603 -24.84 -10.72 0.05
N LEU A 604 -25.22 -11.63 0.91
CA LEU A 604 -24.82 -13.05 0.73
C LEU A 604 -25.91 -13.88 0.06
N SER A 605 -25.58 -14.45 -1.11
CA SER A 605 -26.52 -15.28 -1.90
C SER A 605 -26.93 -16.53 -1.11
MG MG B . 5.08 17.37 1.48
MG MG C . 5.09 20.59 8.33
C1 FPS D . 0.84 14.55 5.86
S1 FPS D . 0.58 15.27 4.32
C2 FPS D . 1.43 13.16 5.78
C3 FPS D . 2.48 12.95 6.56
C4 FPS D . 2.97 14.11 7.35
C5 FPS D . 3.21 11.64 6.67
C6 FPS D . 2.31 10.53 7.21
C7 FPS D . 3.16 9.33 7.60
C8 FPS D . 3.36 8.24 6.84
C10 FPS D . 2.75 8.07 5.49
C9 FPS D . 4.21 7.14 7.35
C11 FPS D . 1.69 6.97 5.46
C12 FPS D . 0.45 7.80 5.36
C13 FPS D . -0.25 7.92 4.26
C14 FPS D . 0.07 7.19 3.00
C15 FPS D . -1.44 8.81 4.31
PA FPS D . 2.41 16.06 4.14
O1A FPS D . 2.50 17.14 5.14
O2A FPS D . 2.76 16.79 2.74
O3A FPS D . 3.44 14.92 4.56
PB FPS D . 5.00 15.28 4.74
O1B FPS D . 5.76 14.09 5.21
O2B FPS D . 5.30 15.75 3.36
O3B FPS D . 4.86 16.35 5.74
H11 FPS D . -0.10 14.52 6.42
H41 FPS D . 3.86 13.86 7.86
H42 FPS D . 2.23 14.39 8.06
H43 FPS D . 3.16 14.94 6.71
H51 FPS D . 4.07 11.76 7.33
H52 FPS D . 3.58 11.35 5.68
H61 FPS D . 1.58 10.23 6.45
H62 FPS D . 1.77 10.88 8.08
H101 FPS D . 3.54 7.83 4.77
H102 FPS D . 2.30 9.02 5.18
H91 FPS D . 3.73 6.21 7.19
H92 FPS D . 5.14 7.15 6.84
H93 FPS D . 4.38 7.28 8.38
H111 FPS D . 1.70 6.38 6.36
H112 FPS D . 1.80 6.34 4.58
H12 FPS D . 0.16 8.37 6.23
H141 FPS D . 1.12 7.08 2.91
H142 FPS D . -0.30 7.73 2.17
H143 FPS D . -0.38 6.23 3.02
H151 FPS D . -1.96 8.76 3.39
H152 FPS D . -1.12 9.80 4.49
H153 FPS D . -2.07 8.49 5.10
#